data_5DGO
#
_entry.id   5DGO
#
_cell.length_a   112.795
_cell.length_b   112.795
_cell.length_c   143.060
_cell.angle_alpha   90.00
_cell.angle_beta   90.00
_cell.angle_gamma   120.00
#
_symmetry.space_group_name_H-M   'P 31 2 1'
#
loop_
_entity.id
_entity.type
_entity.pdbx_description
1 polymer 'Cell division control protein 45 homolog'
2 non-polymer 1,2-ETHANEDIOL
3 non-polymer 'SULFATE ION'
4 water water
#
_entity_poly.entity_id   1
_entity_poly.type   'polypeptide(L)'
_entity_poly.pdbx_seq_one_letter_code
;MFVSDFRKEFYEVVQSQRVLLFVASDVDALCACKILQALFQCDHVQYTLVPVSGWQELETAFLEHKEQFHYFILINCGAN
VDLLDILQPDEDTIFFVCDTHRPVNVVNVYNDTQIKLLIKQDDDLEVPAYEDIFRDEEEDEEHSGNDSDGSEPVEQTMRR
RQRREWEARRRDILFDYEQYEYHGTSSAMVMFELAWMLSKDLNDMLWWAIVGLTDQWVQDKITQMKYVTDVGVLQRHVSR
HNHRNEDEENTLSVDCTRISFEYDLRLVLYQHWSLHDSLCNTSYTAARFKLWSVHGQKRLQEFLADMGLPLKQVKQKFQA
MDISLKENLREMIEESANKFGMKDMRVQTFSIHFGFKHKFLASDVVFATMSLMESPEKDGSGTDHFIQALDSLSRSNLDK
LYHGLELAKKQLRATQQTIASCLCTNLVISQGPFLYCSLMEGTPDVMLFSRPASLSLLSKHLLKSFVCSTKNRRCKLLPL
VMAAPLSMEHGTVTVVGIPPETDSSDRKNFFGRAFEKAAESTSSRMLHNHFDLSVIELKAEDRSKFLDALISLLS
;
_entity_poly.pdbx_strand_id   A
#
loop_
_chem_comp.id
_chem_comp.type
_chem_comp.name
_chem_comp.formula
EDO non-polymer 1,2-ETHANEDIOL 'C2 H6 O2'
SO4 non-polymer 'SULFATE ION' 'O4 S -2'
#
# COMPACT_ATOMS: atom_id res chain seq x y z
N MET A 1 2.48 -23.86 2.39
CA MET A 1 2.12 -24.25 1.00
C MET A 1 1.09 -23.30 0.42
N PHE A 2 0.90 -23.39 -0.89
CA PHE A 2 -0.10 -22.58 -1.58
C PHE A 2 -1.41 -23.34 -1.71
N VAL A 3 -2.51 -22.61 -1.67
CA VAL A 3 -3.83 -23.19 -1.81
C VAL A 3 -4.22 -23.25 -3.28
N SER A 4 -4.47 -24.46 -3.79
CA SER A 4 -4.81 -24.62 -5.21
C SER A 4 -6.31 -24.56 -5.46
N ASP A 5 -7.11 -24.83 -4.42
CA ASP A 5 -8.56 -24.72 -4.50
C ASP A 5 -9.10 -23.90 -3.32
N PHE A 6 -9.40 -22.63 -3.58
CA PHE A 6 -9.85 -21.72 -2.54
C PHE A 6 -11.16 -22.14 -1.90
N ARG A 7 -11.97 -22.91 -2.63
N ARG A 7 -11.96 -22.91 -2.63
CA ARG A 7 -13.24 -23.36 -2.09
CA ARG A 7 -13.24 -23.38 -2.11
C ARG A 7 -13.06 -24.57 -1.17
C ARG A 7 -13.06 -24.56 -1.18
N LYS A 8 -12.51 -25.65 -1.70
CA LYS A 8 -12.36 -26.89 -0.93
C LYS A 8 -11.30 -26.79 0.18
N GLU A 9 -10.18 -26.15 -0.11
CA GLU A 9 -9.06 -26.14 0.82
C GLU A 9 -9.13 -25.02 1.85
N PHE A 10 -9.91 -23.98 1.56
CA PHE A 10 -9.99 -22.82 2.45
C PHE A 10 -11.41 -22.51 2.91
N TYR A 11 -12.25 -22.03 2.01
CA TYR A 11 -13.54 -21.50 2.41
C TYR A 11 -14.43 -22.56 3.06
N GLU A 12 -14.54 -23.73 2.42
CA GLU A 12 -15.38 -24.80 2.94
C GLU A 12 -14.83 -25.38 4.23
N VAL A 13 -13.54 -25.15 4.47
CA VAL A 13 -12.90 -25.60 5.70
C VAL A 13 -13.29 -24.69 6.87
N VAL A 14 -13.22 -23.38 6.65
CA VAL A 14 -13.39 -22.42 7.74
C VAL A 14 -14.85 -22.03 8.00
N GLN A 15 -15.73 -22.21 7.02
CA GLN A 15 -17.07 -21.65 7.12
C GLN A 15 -17.91 -22.34 8.19
N SER A 16 -17.54 -23.57 8.55
CA SER A 16 -18.24 -24.31 9.59
C SER A 16 -17.53 -24.21 10.94
N GLN A 17 -16.42 -23.47 10.96
CA GLN A 17 -15.58 -23.36 12.15
C GLN A 17 -15.61 -21.96 12.71
N ARG A 18 -15.04 -21.78 13.90
N ARG A 18 -15.03 -21.78 13.89
CA ARG A 18 -14.88 -20.45 14.48
CA ARG A 18 -14.87 -20.46 14.49
C ARG A 18 -13.54 -19.88 14.01
C ARG A 18 -13.53 -19.87 14.06
N VAL A 19 -13.58 -18.69 13.44
CA VAL A 19 -12.41 -18.10 12.78
C VAL A 19 -11.98 -16.77 13.38
N LEU A 20 -10.66 -16.60 13.56
N LEU A 20 -10.67 -16.60 13.57
CA LEU A 20 -10.10 -15.32 13.97
CA LEU A 20 -10.13 -15.31 13.96
C LEU A 20 -9.46 -14.63 12.77
C LEU A 20 -9.48 -14.65 12.76
N LEU A 21 -9.97 -13.46 12.42
CA LEU A 21 -9.52 -12.74 11.24
C LEU A 21 -8.62 -11.57 11.60
N PHE A 22 -7.31 -11.72 11.34
CA PHE A 22 -6.36 -10.63 11.48
C PHE A 22 -6.33 -9.80 10.21
N VAL A 23 -6.49 -8.49 10.34
CA VAL A 23 -6.48 -7.59 9.19
C VAL A 23 -5.53 -6.42 9.40
N ALA A 24 -4.54 -6.30 8.52
CA ALA A 24 -3.56 -5.22 8.57
C ALA A 24 -4.20 -3.88 8.22
N SER A 25 -3.52 -2.80 8.59
CA SER A 25 -4.03 -1.45 8.38
C SER A 25 -3.56 -0.84 7.07
N ASP A 26 -4.04 -1.39 5.96
CA ASP A 26 -3.87 -0.77 4.64
C ASP A 26 -5.18 -0.93 3.88
N VAL A 27 -5.39 -0.07 2.89
CA VAL A 27 -6.68 -0.04 2.18
C VAL A 27 -6.93 -1.35 1.43
N ASP A 28 -5.90 -1.93 0.84
CA ASP A 28 -6.02 -3.21 0.16
C ASP A 28 -6.55 -4.28 1.12
N ALA A 29 -6.02 -4.26 2.34
CA ALA A 29 -6.46 -5.21 3.37
C ALA A 29 -7.91 -4.96 3.79
N LEU A 30 -8.28 -3.69 3.98
CA LEU A 30 -9.65 -3.33 4.29
C LEU A 30 -10.61 -3.84 3.21
N CYS A 31 -10.25 -3.61 1.95
CA CYS A 31 -11.06 -4.04 0.83
C CYS A 31 -11.20 -5.56 0.77
N ALA A 32 -10.09 -6.27 0.98
CA ALA A 32 -10.12 -7.72 1.02
C ALA A 32 -10.99 -8.18 2.18
N CYS A 33 -10.89 -7.47 3.30
CA CYS A 33 -11.68 -7.77 4.48
C CYS A 33 -13.17 -7.59 4.19
N LYS A 34 -13.54 -6.48 3.55
CA LYS A 34 -14.94 -6.21 3.21
C LYS A 34 -15.53 -7.35 2.38
N ILE A 35 -14.78 -7.83 1.39
CA ILE A 35 -15.25 -8.90 0.54
C ILE A 35 -15.48 -10.17 1.36
N LEU A 36 -14.49 -10.56 2.16
CA LEU A 36 -14.59 -11.78 2.96
C LEU A 36 -15.71 -11.68 3.99
N GLN A 37 -15.87 -10.50 4.58
CA GLN A 37 -16.92 -10.26 5.55
C GLN A 37 -18.29 -10.49 4.92
N ALA A 38 -18.48 -9.96 3.72
CA ALA A 38 -19.74 -10.09 3.01
C ALA A 38 -20.02 -11.56 2.72
N LEU A 39 -18.98 -12.32 2.38
CA LEU A 39 -19.11 -13.75 2.17
C LEU A 39 -19.47 -14.46 3.47
N PHE A 40 -18.76 -14.12 4.54
CA PHE A 40 -19.00 -14.72 5.85
C PHE A 40 -20.41 -14.41 6.36
N GLN A 41 -20.93 -13.23 6.02
CA GLN A 41 -22.28 -12.87 6.41
C GLN A 41 -23.29 -13.77 5.69
N CYS A 42 -23.11 -13.91 4.38
N CYS A 42 -23.10 -13.92 4.39
CA CYS A 42 -24.01 -14.73 3.57
CA CYS A 42 -23.99 -14.72 3.55
C CYS A 42 -24.05 -16.17 4.07
C CYS A 42 -24.04 -16.17 4.03
N ASP A 43 -22.91 -16.68 4.52
CA ASP A 43 -22.81 -18.08 4.95
C ASP A 43 -22.83 -18.22 6.47
N HIS A 44 -23.05 -17.12 7.17
CA HIS A 44 -23.17 -17.13 8.63
C HIS A 44 -21.96 -17.79 9.30
N VAL A 45 -20.78 -17.42 8.83
CA VAL A 45 -19.54 -17.91 9.44
C VAL A 45 -19.32 -17.18 10.75
N GLN A 46 -19.01 -17.94 11.80
CA GLN A 46 -18.70 -17.34 13.10
C GLN A 46 -17.25 -16.89 13.10
N TYR A 47 -17.04 -15.58 13.21
CA TYR A 47 -15.68 -15.05 13.20
C TYR A 47 -15.53 -13.82 14.08
N THR A 48 -14.28 -13.52 14.41
CA THR A 48 -13.93 -12.33 15.17
C THR A 48 -12.87 -11.53 14.41
N LEU A 49 -13.19 -10.28 14.14
CA LEU A 49 -12.28 -9.38 13.42
C LEU A 49 -11.33 -8.69 14.40
N VAL A 50 -10.03 -8.87 14.18
CA VAL A 50 -9.01 -8.22 15.00
C VAL A 50 -8.10 -7.37 14.12
N PRO A 51 -8.38 -6.06 14.06
CA PRO A 51 -7.49 -5.16 13.32
C PRO A 51 -6.10 -5.12 13.94
N VAL A 52 -5.05 -5.09 13.12
CA VAL A 52 -3.68 -5.03 13.63
C VAL A 52 -2.87 -4.02 12.84
N SER A 53 -2.07 -3.24 13.55
N SER A 53 -2.07 -3.24 13.54
CA SER A 53 -1.24 -2.22 12.94
CA SER A 53 -1.24 -2.21 12.92
C SER A 53 0.18 -2.73 12.68
C SER A 53 0.20 -2.69 12.73
N GLY A 54 0.57 -3.74 13.46
CA GLY A 54 1.92 -4.27 13.37
C GLY A 54 2.05 -5.60 14.08
N TRP A 55 3.28 -6.08 14.20
CA TRP A 55 3.55 -7.41 14.72
C TRP A 55 3.25 -7.55 16.21
N GLN A 56 3.53 -6.51 16.97
CA GLN A 56 3.30 -6.56 18.41
C GLN A 56 1.82 -6.77 18.72
N GLU A 57 0.96 -6.02 18.04
CA GLU A 57 -0.48 -6.17 18.23
C GLU A 57 -0.95 -7.55 17.81
N LEU A 58 -0.40 -8.06 16.70
CA LEU A 58 -0.79 -9.37 16.20
C LEU A 58 -0.38 -10.45 17.20
N GLU A 59 0.89 -10.41 17.61
CA GLU A 59 1.42 -11.40 18.54
C GLU A 59 0.66 -11.39 19.86
N THR A 60 0.35 -10.20 20.35
CA THR A 60 -0.39 -10.05 21.60
C THR A 60 -1.80 -10.63 21.44
N ALA A 61 -2.46 -10.27 20.34
CA ALA A 61 -3.81 -10.74 20.07
C ALA A 61 -3.83 -12.25 19.91
N PHE A 62 -2.77 -12.82 19.34
CA PHE A 62 -2.72 -14.25 19.14
C PHE A 62 -2.64 -14.98 20.48
N LEU A 63 -1.83 -14.47 21.40
CA LEU A 63 -1.73 -15.03 22.75
C LEU A 63 -3.09 -14.99 23.43
N GLU A 64 -3.83 -13.93 23.18
CA GLU A 64 -5.13 -13.71 23.82
C GLU A 64 -6.20 -14.65 23.27
N HIS A 65 -6.03 -15.12 22.03
CA HIS A 65 -7.08 -15.85 21.32
C HIS A 65 -6.72 -17.29 20.94
N LYS A 66 -5.44 -17.66 21.05
CA LYS A 66 -4.99 -18.95 20.55
C LYS A 66 -5.67 -20.14 21.21
N GLU A 67 -6.31 -19.92 22.36
CA GLU A 67 -6.97 -20.99 23.10
C GLU A 67 -8.42 -21.21 22.64
N GLN A 68 -9.03 -20.17 22.08
CA GLN A 68 -10.43 -20.22 21.68
C GLN A 68 -10.59 -20.43 20.16
N PHE A 69 -9.48 -20.33 19.43
CA PHE A 69 -9.48 -20.50 17.98
C PHE A 69 -8.35 -21.41 17.53
N HIS A 70 -8.59 -22.21 16.49
N HIS A 70 -8.61 -22.19 16.49
CA HIS A 70 -7.51 -22.95 15.84
CA HIS A 70 -7.59 -23.02 15.85
C HIS A 70 -7.63 -22.81 14.33
C HIS A 70 -7.53 -22.72 14.35
N TYR A 71 -8.37 -21.79 13.89
CA TYR A 71 -8.41 -21.39 12.49
C TYR A 71 -8.20 -19.88 12.42
N PHE A 72 -7.11 -19.47 11.80
CA PHE A 72 -6.75 -18.05 11.69
C PHE A 72 -6.63 -17.62 10.25
N ILE A 73 -7.15 -16.43 9.95
CA ILE A 73 -6.98 -15.81 8.65
C ILE A 73 -6.22 -14.50 8.84
N LEU A 74 -5.15 -14.33 8.07
CA LEU A 74 -4.34 -13.12 8.10
C LEU A 74 -4.44 -12.39 6.76
N ILE A 75 -4.85 -11.13 6.79
CA ILE A 75 -4.95 -10.33 5.58
C ILE A 75 -3.84 -9.28 5.55
N ASN A 76 -2.97 -9.39 4.55
CA ASN A 76 -1.84 -8.49 4.35
C ASN A 76 -0.90 -8.42 5.54
N CYS A 77 -0.74 -9.56 6.20
CA CYS A 77 0.32 -9.76 7.19
C CYS A 77 0.66 -11.25 7.26
N GLY A 78 1.92 -11.56 7.53
CA GLY A 78 2.33 -12.92 7.84
C GLY A 78 3.12 -13.67 6.78
N ALA A 79 2.99 -13.30 5.52
CA ALA A 79 3.59 -14.10 4.45
C ALA A 79 5.12 -14.00 4.42
N ASN A 80 5.66 -12.87 4.87
CA ASN A 80 7.09 -12.61 4.74
C ASN A 80 7.89 -12.89 6.02
N VAL A 81 7.32 -13.70 6.90
CA VAL A 81 8.03 -14.17 8.09
C VAL A 81 7.75 -15.65 8.36
N ASP A 82 8.64 -16.28 9.12
CA ASP A 82 8.42 -17.64 9.57
C ASP A 82 7.31 -17.61 10.61
N LEU A 83 6.08 -17.72 10.14
CA LEU A 83 4.92 -17.50 11.00
C LEU A 83 4.83 -18.52 12.14
N LEU A 84 5.19 -19.77 11.85
CA LEU A 84 5.16 -20.81 12.87
C LEU A 84 6.18 -20.54 13.97
N ASP A 85 7.36 -20.07 13.58
CA ASP A 85 8.42 -19.78 14.52
C ASP A 85 8.06 -18.59 15.42
N ILE A 86 7.44 -17.58 14.84
CA ILE A 86 7.13 -16.35 15.57
C ILE A 86 5.99 -16.53 16.56
N LEU A 87 4.96 -17.27 16.15
CA LEU A 87 3.76 -17.42 16.97
C LEU A 87 3.82 -18.64 17.89
N GLN A 88 4.66 -19.61 17.54
CA GLN A 88 4.80 -20.84 18.33
C GLN A 88 3.44 -21.48 18.64
N PRO A 89 2.65 -21.79 17.61
CA PRO A 89 1.30 -22.32 17.81
C PRO A 89 1.28 -23.81 18.09
N ASP A 90 0.11 -24.34 18.42
CA ASP A 90 -0.09 -25.78 18.55
C ASP A 90 -0.03 -26.42 17.18
N GLU A 91 0.01 -27.75 17.13
CA GLU A 91 0.13 -28.47 15.87
C GLU A 91 -1.16 -28.41 15.04
N ASP A 92 -2.30 -28.29 15.71
CA ASP A 92 -3.60 -28.35 15.05
C ASP A 92 -4.06 -27.01 14.48
N THR A 93 -3.33 -25.94 14.81
CA THR A 93 -3.71 -24.60 14.36
C THR A 93 -3.42 -24.42 12.87
N ILE A 94 -4.40 -23.90 12.14
CA ILE A 94 -4.26 -23.63 10.71
C ILE A 94 -4.29 -22.13 10.43
N PHE A 95 -3.32 -21.67 9.64
CA PHE A 95 -3.22 -20.27 9.26
C PHE A 95 -3.42 -20.08 7.76
N PHE A 96 -4.49 -19.39 7.39
CA PHE A 96 -4.71 -18.99 6.00
C PHE A 96 -4.19 -17.57 5.81
N VAL A 97 -3.17 -17.42 4.97
CA VAL A 97 -2.47 -16.16 4.82
C VAL A 97 -2.73 -15.54 3.44
N CYS A 98 -3.52 -14.47 3.45
CA CYS A 98 -3.81 -13.71 2.23
C CYS A 98 -3.06 -12.38 2.29
N ASP A 99 -1.81 -12.40 1.84
CA ASP A 99 -0.89 -11.28 2.04
C ASP A 99 -0.08 -11.00 0.78
N THR A 100 0.03 -9.72 0.44
CA THR A 100 0.73 -9.31 -0.77
C THR A 100 2.22 -9.14 -0.56
N HIS A 101 2.67 -9.15 0.69
CA HIS A 101 4.09 -8.95 0.99
C HIS A 101 4.97 -10.03 0.40
N ARG A 102 6.09 -9.60 -0.20
CA ARG A 102 7.06 -10.51 -0.76
C ARG A 102 8.46 -10.13 -0.28
N PRO A 103 9.39 -11.09 -0.26
CA PRO A 103 9.22 -12.49 -0.66
C PRO A 103 8.51 -13.31 0.41
N VAL A 104 7.89 -14.40 0.00
CA VAL A 104 7.25 -15.32 0.94
C VAL A 104 8.32 -16.10 1.67
N ASN A 105 8.19 -16.20 2.99
CA ASN A 105 9.13 -16.94 3.80
C ASN A 105 9.18 -18.40 3.35
N VAL A 106 10.39 -18.95 3.23
CA VAL A 106 10.57 -20.29 2.67
C VAL A 106 9.86 -21.37 3.49
N VAL A 107 9.78 -21.18 4.81
CA VAL A 107 9.08 -22.14 5.65
C VAL A 107 7.58 -22.09 5.36
N ASN A 108 7.05 -20.88 5.13
CA ASN A 108 5.65 -20.74 4.74
C ASN A 108 5.37 -21.48 3.44
N VAL A 109 6.32 -21.40 2.51
CA VAL A 109 6.15 -22.05 1.21
C VAL A 109 6.12 -23.57 1.35
N TYR A 110 7.07 -24.12 2.09
CA TYR A 110 7.29 -25.57 2.09
C TYR A 110 6.55 -26.31 3.20
N ASN A 111 6.00 -25.58 4.17
CA ASN A 111 5.13 -26.20 5.16
C ASN A 111 3.82 -26.62 4.51
N ASP A 112 3.39 -27.85 4.78
CA ASP A 112 2.20 -28.40 4.12
C ASP A 112 1.01 -28.50 5.08
N THR A 113 1.28 -28.49 6.38
CA THR A 113 0.25 -28.83 7.37
C THR A 113 -0.49 -27.64 7.98
N GLN A 114 0.22 -26.53 8.24
CA GLN A 114 -0.35 -25.44 9.02
C GLN A 114 -0.40 -24.10 8.28
N ILE A 115 0.52 -23.88 7.35
CA ILE A 115 0.54 -22.62 6.59
C ILE A 115 -0.09 -22.80 5.22
N LYS A 116 -1.22 -22.12 5.03
CA LYS A 116 -1.96 -22.17 3.77
C LYS A 116 -1.98 -20.80 3.13
N LEU A 117 -1.17 -20.62 2.10
CA LEU A 117 -1.03 -19.32 1.45
C LEU A 117 -2.14 -19.08 0.44
N LEU A 118 -2.97 -18.07 0.71
CA LEU A 118 -3.99 -17.63 -0.24
C LEU A 118 -3.34 -16.63 -1.18
N ILE A 119 -2.40 -17.13 -1.98
CA ILE A 119 -1.61 -16.33 -2.91
C ILE A 119 -1.63 -17.01 -4.27
N LYS A 120 -1.84 -16.22 -5.32
CA LYS A 120 -1.87 -16.76 -6.68
C LYS A 120 -0.51 -17.37 -7.01
N GLN A 121 -0.53 -18.62 -7.47
N GLN A 121 -0.53 -18.62 -7.47
CA GLN A 121 0.70 -19.38 -7.66
CA GLN A 121 0.70 -19.39 -7.68
C GLN A 121 1.54 -18.85 -8.82
C GLN A 121 1.54 -18.86 -8.84
N ASP A 122 0.94 -18.04 -9.69
CA ASP A 122 1.65 -17.47 -10.83
C ASP A 122 2.09 -16.03 -10.57
N ASP A 123 2.04 -15.59 -9.31
CA ASP A 123 2.64 -14.31 -8.92
C ASP A 123 4.15 -14.34 -9.14
N ASP A 124 4.76 -13.15 -9.15
CA ASP A 124 6.20 -13.04 -9.23
C ASP A 124 6.84 -13.67 -7.98
N LEU A 125 7.34 -14.88 -8.16
CA LEU A 125 7.89 -15.67 -7.07
C LEU A 125 9.13 -16.42 -7.55
N GLU A 126 10.23 -16.30 -6.80
CA GLU A 126 11.47 -16.99 -7.13
C GLU A 126 12.03 -17.66 -5.88
N VAL A 127 11.34 -18.71 -5.45
CA VAL A 127 11.65 -19.40 -4.22
C VAL A 127 12.86 -20.31 -4.41
N PRO A 128 13.72 -20.42 -3.38
CA PRO A 128 14.86 -21.35 -3.50
C PRO A 128 14.42 -22.82 -3.48
N ALA A 129 15.24 -23.67 -4.08
CA ALA A 129 14.97 -25.11 -4.07
C ALA A 129 15.09 -25.64 -2.64
N TYR A 130 14.21 -26.58 -2.29
CA TYR A 130 14.23 -27.22 -0.98
C TYR A 130 15.61 -27.78 -0.65
N GLU A 131 16.25 -28.38 -1.64
CA GLU A 131 17.54 -29.05 -1.45
C GLU A 131 18.64 -28.08 -1.01
N ASP A 132 18.45 -26.80 -1.27
CA ASP A 132 19.47 -25.79 -0.99
C ASP A 132 19.35 -25.16 0.40
N ILE A 133 18.18 -25.29 1.02
CA ILE A 133 17.90 -24.53 2.25
C ILE A 133 17.42 -25.42 3.40
N PHE A 134 17.07 -26.67 3.12
CA PHE A 134 16.67 -27.61 4.16
C PHE A 134 17.46 -28.92 4.04
N ARG A 135 17.77 -29.52 5.19
CA ARG A 135 18.48 -30.80 5.23
C ARG A 135 17.69 -31.82 6.03
N ASP A 136 18.17 -33.07 6.01
CA ASP A 136 17.53 -34.16 6.72
C ASP A 136 18.27 -34.49 8.01
N SER A 151 39.86 -36.07 16.17
CA SER A 151 40.47 -37.08 15.30
C SER A 151 39.41 -37.90 14.58
N GLU A 152 39.10 -37.50 13.36
CA GLU A 152 38.09 -38.18 12.54
C GLU A 152 38.67 -38.61 11.21
N PRO A 153 38.25 -39.79 10.71
CA PRO A 153 38.78 -40.26 9.42
C PRO A 153 38.29 -39.42 8.25
N VAL A 154 38.95 -39.58 7.11
CA VAL A 154 38.63 -38.84 5.89
C VAL A 154 37.16 -39.00 5.51
N GLU A 155 36.61 -40.17 5.81
CA GLU A 155 35.22 -40.47 5.49
C GLU A 155 34.27 -39.47 6.15
N GLN A 156 34.56 -39.13 7.41
CA GLN A 156 33.70 -38.22 8.16
C GLN A 156 34.04 -36.74 7.89
N THR A 157 35.32 -36.43 7.73
CA THR A 157 35.72 -35.03 7.57
C THR A 157 35.34 -34.49 6.20
N MET A 158 35.27 -35.37 5.20
CA MET A 158 34.84 -34.96 3.87
C MET A 158 33.36 -34.60 3.91
N ARG A 159 32.58 -35.38 4.65
CA ARG A 159 31.17 -35.07 4.84
C ARG A 159 31.02 -33.72 5.53
N ARG A 160 31.82 -33.49 6.56
CA ARG A 160 31.81 -32.24 7.29
C ARG A 160 32.09 -31.06 6.36
N ARG A 161 33.10 -31.23 5.50
CA ARG A 161 33.47 -30.18 4.55
C ARG A 161 32.29 -29.86 3.63
N GLN A 162 31.64 -30.90 3.12
CA GLN A 162 30.51 -30.73 2.22
C GLN A 162 29.35 -30.03 2.93
N ARG A 163 29.12 -30.39 4.19
CA ARG A 163 28.08 -29.76 4.99
C ARG A 163 28.34 -28.27 5.20
N ARG A 164 29.60 -27.91 5.44
CA ARG A 164 29.98 -26.53 5.65
C ARG A 164 29.77 -25.72 4.37
N GLU A 165 30.17 -26.29 3.24
CA GLU A 165 30.01 -25.61 1.96
C GLU A 165 28.54 -25.45 1.62
N TRP A 166 27.73 -26.44 2.00
CA TRP A 166 26.30 -26.37 1.77
C TRP A 166 25.67 -25.25 2.58
N GLU A 167 26.03 -25.21 3.86
CA GLU A 167 25.52 -24.18 4.76
C GLU A 167 25.94 -22.79 4.31
N ALA A 168 27.12 -22.71 3.70
CA ALA A 168 27.63 -21.44 3.18
C ALA A 168 26.84 -20.98 1.97
N ARG A 169 26.55 -21.91 1.07
CA ARG A 169 25.72 -21.61 -0.10
C ARG A 169 24.32 -21.22 0.35
N ARG A 170 23.83 -21.88 1.39
CA ARG A 170 22.49 -21.64 1.90
C ARG A 170 22.35 -20.20 2.41
N ARG A 171 23.39 -19.71 3.08
CA ARG A 171 23.38 -18.33 3.58
C ARG A 171 23.35 -17.34 2.44
N ASP A 172 24.10 -17.62 1.38
CA ASP A 172 24.13 -16.76 0.20
C ASP A 172 22.80 -16.81 -0.55
N ILE A 173 22.24 -18.01 -0.69
CA ILE A 173 20.99 -18.20 -1.42
C ILE A 173 19.84 -17.48 -0.72
N LEU A 174 19.74 -17.63 0.61
CA LEU A 174 18.68 -16.98 1.36
C LEU A 174 18.88 -15.47 1.43
N PHE A 175 20.14 -15.04 1.43
CA PHE A 175 20.44 -13.61 1.41
C PHE A 175 19.90 -12.99 0.13
N ASP A 176 20.21 -13.60 -1.01
CA ASP A 176 19.76 -13.09 -2.30
C ASP A 176 18.23 -13.11 -2.39
N TYR A 177 17.62 -14.11 -1.77
CA TYR A 177 16.17 -14.29 -1.86
C TYR A 177 15.42 -13.25 -1.03
N GLU A 178 16.00 -12.90 0.13
N GLU A 178 15.99 -12.90 0.14
CA GLU A 178 15.35 -12.02 1.08
CA GLU A 178 15.34 -12.01 1.09
C GLU A 178 15.81 -10.56 0.96
C GLU A 178 15.80 -10.56 0.96
N GLN A 179 16.74 -10.31 0.05
CA GLN A 179 17.33 -8.97 -0.07
C GLN A 179 16.30 -7.89 -0.42
N TYR A 180 15.49 -8.12 -1.45
CA TYR A 180 14.54 -7.13 -1.92
C TYR A 180 13.10 -7.47 -1.54
N GLU A 181 12.45 -6.53 -0.87
CA GLU A 181 11.03 -6.64 -0.56
C GLU A 181 10.20 -6.06 -1.70
N TYR A 182 9.00 -6.60 -1.88
CA TYR A 182 8.07 -6.06 -2.86
C TYR A 182 6.68 -6.62 -2.60
N HIS A 183 5.75 -6.38 -3.53
CA HIS A 183 4.37 -6.78 -3.33
C HIS A 183 3.82 -7.55 -4.53
N GLY A 184 2.99 -8.54 -4.23
CA GLY A 184 2.33 -9.33 -5.25
C GLY A 184 0.91 -8.83 -5.50
N THR A 185 0.08 -9.69 -6.09
CA THR A 185 -1.26 -9.32 -6.49
C THR A 185 -2.12 -8.90 -5.30
N SER A 186 -2.85 -7.81 -5.49
CA SER A 186 -3.80 -7.28 -4.52
C SER A 186 -4.60 -8.36 -3.80
N SER A 187 -4.62 -8.31 -2.48
CA SER A 187 -5.39 -9.26 -1.70
C SER A 187 -6.89 -9.10 -1.95
N ALA A 188 -7.31 -7.88 -2.24
CA ALA A 188 -8.72 -7.62 -2.56
C ALA A 188 -9.08 -8.34 -3.85
N MET A 189 -8.17 -8.32 -4.82
CA MET A 189 -8.39 -9.03 -6.07
C MET A 189 -8.47 -10.54 -5.84
N VAL A 190 -7.60 -11.06 -4.97
CA VAL A 190 -7.62 -12.48 -4.65
C VAL A 190 -8.94 -12.86 -4.00
N MET A 191 -9.41 -12.05 -3.06
CA MET A 191 -10.66 -12.33 -2.37
C MET A 191 -11.85 -12.23 -3.33
N PHE A 192 -11.78 -11.31 -4.30
CA PHE A 192 -12.85 -11.21 -5.28
C PHE A 192 -12.94 -12.46 -6.14
N GLU A 193 -11.78 -13.05 -6.45
CA GLU A 193 -11.76 -14.30 -7.20
C GLU A 193 -12.48 -15.39 -6.43
N LEU A 194 -12.27 -15.44 -5.12
CA LEU A 194 -12.96 -16.38 -4.26
C LEU A 194 -14.47 -16.19 -4.34
N ALA A 195 -14.92 -14.95 -4.23
CA ALA A 195 -16.34 -14.64 -4.31
C ALA A 195 -16.90 -15.06 -5.66
N TRP A 196 -16.11 -14.86 -6.70
CA TRP A 196 -16.49 -15.24 -8.05
C TRP A 196 -16.67 -16.75 -8.15
N MET A 197 -15.70 -17.50 -7.61
CA MET A 197 -15.78 -18.95 -7.59
C MET A 197 -17.02 -19.44 -6.84
N LEU A 198 -17.39 -18.72 -5.79
CA LEU A 198 -18.55 -19.11 -4.98
C LEU A 198 -19.86 -18.62 -5.61
N SER A 199 -19.76 -17.96 -6.77
CA SER A 199 -20.91 -17.37 -7.43
C SER A 199 -21.62 -16.37 -6.51
N LYS A 200 -20.82 -15.61 -5.77
CA LYS A 200 -21.34 -14.60 -4.86
C LYS A 200 -20.62 -13.27 -5.05
N ASP A 201 -20.13 -13.02 -6.25
CA ASP A 201 -19.41 -11.78 -6.54
C ASP A 201 -20.39 -10.64 -6.80
N LEU A 202 -20.78 -9.97 -5.73
CA LEU A 202 -21.63 -8.79 -5.82
C LEU A 202 -20.89 -7.67 -6.51
N ASN A 203 -21.63 -6.74 -7.09
N ASN A 203 -21.61 -6.73 -7.08
CA ASN A 203 -21.05 -5.58 -7.75
CA ASN A 203 -20.96 -5.61 -7.77
C ASN A 203 -20.16 -4.78 -6.81
C ASN A 203 -20.15 -4.76 -6.80
N ASP A 204 -20.57 -4.71 -5.55
CA ASP A 204 -19.82 -3.99 -4.52
C ASP A 204 -18.45 -4.60 -4.32
N MET A 205 -18.36 -5.91 -4.45
CA MET A 205 -17.11 -6.61 -4.23
C MET A 205 -16.10 -6.29 -5.33
N LEU A 206 -16.60 -6.15 -6.55
CA LEU A 206 -15.74 -5.80 -7.68
C LEU A 206 -15.13 -4.43 -7.48
N TRP A 207 -15.93 -3.50 -6.94
CA TRP A 207 -15.44 -2.16 -6.64
C TRP A 207 -14.36 -2.21 -5.57
N TRP A 208 -14.56 -3.05 -4.56
CA TRP A 208 -13.59 -3.18 -3.48
C TRP A 208 -12.29 -3.79 -4.01
N ALA A 209 -12.40 -4.72 -4.95
CA ALA A 209 -11.23 -5.27 -5.62
C ALA A 209 -10.47 -4.16 -6.36
N ILE A 210 -11.22 -3.28 -7.00
CA ILE A 210 -10.64 -2.18 -7.76
C ILE A 210 -9.92 -1.20 -6.83
N VAL A 211 -10.56 -0.87 -5.71
CA VAL A 211 -9.98 0.07 -4.76
C VAL A 211 -8.70 -0.50 -4.16
N GLY A 212 -8.70 -1.80 -3.90
CA GLY A 212 -7.52 -2.49 -3.38
C GLY A 212 -6.34 -2.41 -4.33
N LEU A 213 -6.58 -2.70 -5.61
CA LEU A 213 -5.54 -2.57 -6.63
C LEU A 213 -5.04 -1.14 -6.69
N THR A 214 -5.97 -0.19 -6.65
CA THR A 214 -5.63 1.22 -6.78
C THR A 214 -4.78 1.67 -5.59
N ASP A 215 -5.01 1.07 -4.44
CA ASP A 215 -4.21 1.36 -3.25
C ASP A 215 -2.74 1.02 -3.50
N GLN A 216 -2.49 -0.15 -4.10
CA GLN A 216 -1.14 -0.57 -4.44
C GLN A 216 -0.47 0.42 -5.38
N TRP A 217 -1.25 0.90 -6.34
CA TRP A 217 -0.75 1.83 -7.35
C TRP A 217 -0.43 3.19 -6.73
N VAL A 218 -1.34 3.70 -5.91
CA VAL A 218 -1.16 4.99 -5.25
C VAL A 218 0.09 4.99 -4.37
N GLN A 219 0.39 3.85 -3.77
CA GLN A 219 1.51 3.73 -2.84
C GLN A 219 2.78 3.20 -3.51
N ASP A 220 2.76 3.12 -4.84
CA ASP A 220 3.90 2.63 -5.59
C ASP A 220 4.36 1.25 -5.12
N LYS A 221 3.42 0.42 -4.67
CA LYS A 221 3.75 -0.92 -4.19
C LYS A 221 3.94 -1.91 -5.34
N ILE A 222 3.37 -1.59 -6.49
CA ILE A 222 3.50 -2.42 -7.68
C ILE A 222 3.95 -1.58 -8.86
N THR A 223 4.51 -2.24 -9.87
CA THR A 223 4.98 -1.54 -11.06
C THR A 223 3.82 -1.02 -11.89
N GLN A 224 4.11 -0.10 -12.79
CA GLN A 224 3.13 0.43 -13.71
C GLN A 224 2.62 -0.67 -14.64
N MET A 225 3.53 -1.57 -15.03
CA MET A 225 3.16 -2.67 -15.91
C MET A 225 2.21 -3.64 -15.21
N LYS A 226 2.49 -4.00 -13.97
CA LYS A 226 1.61 -4.89 -13.24
C LYS A 226 0.24 -4.25 -13.03
N TYR A 227 0.23 -2.97 -12.70
CA TYR A 227 -1.02 -2.25 -12.52
C TYR A 227 -1.88 -2.29 -13.78
N VAL A 228 -1.28 -1.94 -14.92
CA VAL A 228 -2.01 -1.94 -16.19
C VAL A 228 -2.53 -3.34 -16.51
N THR A 229 -1.71 -4.35 -16.24
CA THR A 229 -2.11 -5.74 -16.47
C THR A 229 -3.33 -6.09 -15.62
N ASP A 230 -3.30 -5.71 -14.35
CA ASP A 230 -4.37 -6.06 -13.43
C ASP A 230 -5.62 -5.23 -13.72
N VAL A 231 -5.44 -4.02 -14.21
CA VAL A 231 -6.58 -3.21 -14.67
C VAL A 231 -7.28 -3.95 -15.81
N GLY A 232 -6.49 -4.55 -16.69
CA GLY A 232 -7.04 -5.33 -17.79
C GLY A 232 -7.88 -6.49 -17.31
N VAL A 233 -7.39 -7.19 -16.28
CA VAL A 233 -8.13 -8.31 -15.71
C VAL A 233 -9.46 -7.83 -15.11
N LEU A 234 -9.41 -6.72 -14.38
CA LEU A 234 -10.61 -6.20 -13.73
C LEU A 234 -11.59 -5.66 -14.77
N GLN A 235 -11.08 -5.19 -15.90
CA GLN A 235 -11.93 -4.74 -16.99
C GLN A 235 -12.83 -5.88 -17.48
N ARG A 236 -12.29 -7.09 -17.51
CA ARG A 236 -13.06 -8.27 -17.91
C ARG A 236 -14.26 -8.44 -16.99
N HIS A 237 -14.02 -8.30 -15.69
CA HIS A 237 -15.05 -8.53 -14.69
C HIS A 237 -16.08 -7.41 -14.70
N VAL A 238 -15.64 -6.19 -14.98
CA VAL A 238 -16.56 -5.06 -15.06
C VAL A 238 -17.51 -5.27 -16.23
N SER A 239 -16.98 -5.75 -17.35
N SER A 239 -16.98 -5.75 -17.35
CA SER A 239 -17.79 -6.00 -18.53
CA SER A 239 -17.79 -6.00 -18.53
C SER A 239 -18.74 -7.17 -18.27
C SER A 239 -18.74 -7.18 -18.29
N ARG A 240 -18.26 -8.19 -17.58
CA ARG A 240 -19.08 -9.35 -17.23
C ARG A 240 -20.22 -8.93 -16.33
N HIS A 241 -19.95 -8.01 -15.39
CA HIS A 241 -20.98 -7.52 -14.49
C HIS A 241 -22.00 -6.66 -15.23
N ASN A 242 -21.53 -5.89 -16.20
CA ASN A 242 -22.43 -5.06 -17.01
C ASN A 242 -23.39 -5.94 -17.81
N HIS A 243 -22.86 -7.02 -18.38
N HIS A 243 -22.87 -7.02 -18.37
CA HIS A 243 -23.67 -7.98 -19.11
CA HIS A 243 -23.69 -7.96 -19.12
C HIS A 243 -24.65 -8.68 -18.18
C HIS A 243 -24.65 -8.70 -18.19
N ARG A 244 -24.20 -8.94 -16.97
CA ARG A 244 -25.03 -9.60 -15.96
C ARG A 244 -26.18 -8.69 -15.53
N ASN A 245 -25.89 -7.40 -15.44
CA ASN A 245 -26.89 -6.42 -15.06
C ASN A 245 -27.94 -6.20 -16.15
N GLU A 246 -27.72 -6.78 -17.32
CA GLU A 246 -28.66 -6.69 -18.44
C GLU A 246 -29.42 -8.00 -18.63
N ASP A 247 -28.98 -9.05 -17.93
CA ASP A 247 -29.67 -10.34 -17.97
C ASP A 247 -30.89 -10.33 -17.05
N GLU A 248 -32.07 -10.47 -17.65
CA GLU A 248 -33.32 -10.40 -16.90
C GLU A 248 -33.47 -11.57 -15.92
N GLU A 249 -32.82 -12.68 -16.21
CA GLU A 249 -32.94 -13.89 -15.40
C GLU A 249 -31.95 -13.92 -14.23
N ASN A 250 -31.00 -13.00 -14.22
CA ASN A 250 -30.03 -12.92 -13.13
C ASN A 250 -30.68 -12.43 -11.84
N THR A 251 -30.28 -13.03 -10.72
CA THR A 251 -30.83 -12.67 -9.42
C THR A 251 -29.76 -12.12 -8.49
N LEU A 252 -28.50 -12.21 -8.93
CA LEU A 252 -27.37 -11.80 -8.08
C LEU A 252 -27.02 -10.33 -8.27
N SER A 253 -27.02 -9.60 -7.16
CA SER A 253 -26.60 -8.20 -7.13
C SER A 253 -27.33 -7.36 -8.19
N VAL A 254 -28.66 -7.45 -8.19
CA VAL A 254 -29.48 -6.63 -9.08
C VAL A 254 -29.66 -5.25 -8.48
N ASP A 255 -28.86 -4.30 -8.93
CA ASP A 255 -28.92 -2.93 -8.45
C ASP A 255 -28.46 -1.94 -9.51
N CYS A 256 -28.48 -0.65 -9.19
N CYS A 256 -28.47 -0.66 -9.16
CA CYS A 256 -28.15 0.39 -10.15
CA CYS A 256 -28.16 0.41 -10.11
C CYS A 256 -26.74 0.96 -9.93
C CYS A 256 -26.70 0.84 -10.07
N THR A 257 -25.92 0.22 -9.19
CA THR A 257 -24.52 0.61 -9.00
C THR A 257 -23.70 0.25 -10.24
N ARG A 258 -23.16 1.25 -10.89
CA ARG A 258 -22.42 1.05 -12.14
C ARG A 258 -20.94 1.41 -12.01
N ILE A 259 -20.09 0.42 -12.26
CA ILE A 259 -18.66 0.63 -12.36
C ILE A 259 -18.30 0.82 -13.83
N SER A 260 -17.46 1.81 -14.11
CA SER A 260 -17.03 2.07 -15.48
C SER A 260 -15.53 2.27 -15.54
N PHE A 261 -14.90 1.64 -16.53
CA PHE A 261 -13.50 1.90 -16.83
C PHE A 261 -13.35 3.34 -17.29
N GLU A 262 -12.27 3.98 -16.86
CA GLU A 262 -12.04 5.39 -17.16
C GLU A 262 -10.60 5.62 -17.57
N TYR A 263 -10.42 6.29 -18.71
CA TYR A 263 -9.11 6.82 -19.07
C TYR A 263 -9.12 8.28 -18.65
N ASP A 264 -8.83 8.50 -17.37
CA ASP A 264 -9.10 9.77 -16.71
C ASP A 264 -7.81 10.57 -16.43
N LEU A 265 -7.96 11.71 -15.76
CA LEU A 265 -6.84 12.60 -15.48
C LEU A 265 -6.01 12.17 -14.27
N ARG A 266 -4.70 12.38 -14.36
CA ARG A 266 -3.81 12.15 -13.24
C ARG A 266 -3.85 13.36 -12.29
N LEU A 267 -5.01 13.57 -11.67
CA LEU A 267 -5.21 14.68 -10.74
C LEU A 267 -6.01 14.19 -9.54
N VAL A 268 -5.47 14.38 -8.35
N VAL A 268 -5.45 14.36 -8.35
CA VAL A 268 -6.04 13.82 -7.14
CA VAL A 268 -6.07 13.81 -7.15
C VAL A 268 -7.28 14.61 -6.67
C VAL A 268 -7.30 14.61 -6.73
N LEU A 269 -8.35 13.88 -6.38
CA LEU A 269 -9.60 14.46 -5.86
C LEU A 269 -10.19 15.60 -6.69
N TYR A 270 -9.81 15.69 -7.97
CA TYR A 270 -10.15 16.87 -8.77
C TYR A 270 -11.66 17.07 -8.88
N GLN A 271 -12.43 15.99 -8.69
CA GLN A 271 -13.88 16.08 -8.77
C GLN A 271 -14.52 16.60 -7.49
N HIS A 272 -13.71 16.82 -6.46
CA HIS A 272 -14.22 17.18 -5.14
C HIS A 272 -13.64 18.48 -4.60
N TRP A 273 -12.86 19.17 -5.44
CA TRP A 273 -12.46 20.55 -5.17
C TRP A 273 -12.02 21.20 -6.47
N SER A 274 -11.43 22.38 -6.37
CA SER A 274 -11.08 23.16 -7.55
C SER A 274 -9.98 22.49 -8.38
N LEU A 275 -9.96 22.83 -9.67
CA LEU A 275 -8.89 22.36 -10.55
C LEU A 275 -7.55 22.91 -10.08
N HIS A 276 -7.57 24.12 -9.54
CA HIS A 276 -6.35 24.75 -9.03
C HIS A 276 -5.78 23.96 -7.86
N ASP A 277 -6.63 23.61 -6.91
CA ASP A 277 -6.22 22.86 -5.73
C ASP A 277 -5.67 21.48 -6.11
N SER A 278 -6.36 20.82 -7.05
N SER A 278 -6.36 20.82 -7.04
CA SER A 278 -5.94 19.49 -7.48
CA SER A 278 -5.94 19.49 -7.48
C SER A 278 -4.59 19.56 -8.17
C SER A 278 -4.59 19.55 -8.19
N LEU A 279 -4.40 20.57 -9.00
CA LEU A 279 -3.13 20.77 -9.70
C LEU A 279 -2.00 21.01 -8.69
N CYS A 280 -2.29 21.78 -7.65
CA CYS A 280 -1.28 22.14 -6.67
C CYS A 280 -0.94 21.00 -5.70
N ASN A 281 -1.85 20.05 -5.56
CA ASN A 281 -1.69 18.99 -4.56
C ASN A 281 -1.57 17.60 -5.15
N THR A 282 -1.46 17.52 -6.47
CA THR A 282 -1.12 16.27 -7.15
C THR A 282 0.40 16.22 -7.30
N SER A 283 1.01 15.14 -6.83
CA SER A 283 2.46 14.99 -6.88
C SER A 283 3.01 15.17 -8.29
N TYR A 284 2.32 14.57 -9.25
CA TYR A 284 2.76 14.60 -10.65
C TYR A 284 3.00 16.03 -11.14
N THR A 285 2.02 16.91 -10.92
CA THR A 285 2.12 18.29 -11.38
C THR A 285 2.88 19.18 -10.41
N ALA A 286 2.70 18.95 -9.12
CA ALA A 286 3.39 19.76 -8.10
C ALA A 286 4.89 19.62 -8.22
N ALA A 287 5.36 18.41 -8.52
CA ALA A 287 6.79 18.16 -8.66
C ALA A 287 7.33 18.74 -9.97
N ARG A 288 6.59 18.53 -11.06
CA ARG A 288 7.07 18.91 -12.39
C ARG A 288 6.97 20.42 -12.63
N PHE A 289 6.03 21.08 -11.96
CA PHE A 289 5.95 22.54 -12.01
C PHE A 289 6.75 23.19 -10.88
N LYS A 290 7.35 22.38 -10.01
CA LYS A 290 8.16 22.91 -8.90
C LYS A 290 7.40 23.96 -8.10
N LEU A 291 6.21 23.61 -7.63
CA LEU A 291 5.28 24.59 -7.08
C LEU A 291 5.69 25.12 -5.70
N TRP A 292 6.82 24.63 -5.17
CA TRP A 292 7.40 25.19 -3.96
C TRP A 292 8.12 26.51 -4.26
N SER A 293 8.25 26.83 -5.54
CA SER A 293 8.91 28.06 -5.99
C SER A 293 7.94 28.99 -6.68
N VAL A 294 8.18 30.29 -6.57
CA VAL A 294 7.37 31.29 -7.24
C VAL A 294 7.48 31.11 -8.75
N HIS A 295 8.69 30.84 -9.22
CA HIS A 295 8.94 30.59 -10.63
C HIS A 295 8.04 29.46 -11.12
N GLY A 296 7.96 28.41 -10.31
CA GLY A 296 7.13 27.27 -10.62
C GLY A 296 5.65 27.64 -10.69
N GLN A 297 5.20 28.38 -9.67
CA GLN A 297 3.81 28.83 -9.63
CA GLN A 297 3.81 28.84 -9.63
C GLN A 297 3.49 29.67 -10.87
N LYS A 298 4.48 30.43 -11.34
CA LYS A 298 4.32 31.25 -12.52
C LYS A 298 4.12 30.37 -13.75
N ARG A 299 4.93 29.32 -13.85
CA ARG A 299 4.84 28.41 -14.99
C ARG A 299 3.50 27.70 -15.03
N LEU A 300 2.91 27.47 -13.86
CA LEU A 300 1.60 26.83 -13.78
C LEU A 300 0.52 27.77 -14.33
N GLN A 301 0.67 29.07 -14.06
N GLN A 301 0.68 29.07 -14.04
CA GLN A 301 -0.27 30.06 -14.56
CA GLN A 301 -0.24 30.07 -14.55
C GLN A 301 -0.19 30.15 -16.08
C GLN A 301 -0.18 30.13 -16.07
N GLU A 302 1.02 29.94 -16.62
CA GLU A 302 1.21 29.92 -18.05
C GLU A 302 0.54 28.68 -18.65
N PHE A 303 0.56 27.59 -17.89
CA PHE A 303 -0.09 26.35 -18.32
C PHE A 303 -1.60 26.52 -18.34
N LEU A 304 -2.13 27.18 -17.32
CA LEU A 304 -3.57 27.44 -17.25
C LEU A 304 -4.00 28.44 -18.32
N ALA A 305 -3.10 29.35 -18.67
CA ALA A 305 -3.38 30.34 -19.71
C ALA A 305 -3.41 29.67 -21.08
N ASP A 306 -2.57 28.65 -21.26
CA ASP A 306 -2.51 27.91 -22.51
C ASP A 306 -3.76 27.05 -22.70
N MET A 307 -4.43 26.75 -21.60
CA MET A 307 -5.70 26.02 -21.66
C MET A 307 -6.83 26.96 -22.05
N GLY A 308 -6.68 28.23 -21.71
CA GLY A 308 -7.67 29.24 -22.05
C GLY A 308 -8.92 29.12 -21.20
N LEU A 309 -8.80 28.44 -20.06
CA LEU A 309 -9.94 28.25 -19.17
C LEU A 309 -10.13 29.50 -18.29
N PRO A 310 -11.37 29.98 -18.16
CA PRO A 310 -11.62 31.19 -17.35
C PRO A 310 -11.14 31.05 -15.90
N LEU A 311 -10.72 32.16 -15.30
CA LEU A 311 -10.18 32.16 -13.95
C LEU A 311 -11.16 31.60 -12.93
N LYS A 312 -12.42 32.01 -13.04
CA LYS A 312 -13.45 31.57 -12.10
C LYS A 312 -13.67 30.07 -12.17
N GLN A 313 -13.57 29.51 -13.38
CA GLN A 313 -13.82 28.09 -13.58
C GLN A 313 -12.70 27.23 -12.98
N VAL A 314 -11.52 27.80 -12.83
CA VAL A 314 -10.36 27.06 -12.34
C VAL A 314 -10.29 27.09 -10.81
N LYS A 315 -10.69 28.21 -10.22
CA LYS A 315 -10.55 28.41 -8.78
C LYS A 315 -11.79 27.98 -8.00
N GLN A 316 -12.92 27.84 -8.68
CA GLN A 316 -14.14 27.38 -8.02
C GLN A 316 -14.18 25.86 -8.02
N LYS A 317 -15.09 25.30 -7.24
CA LYS A 317 -15.22 23.85 -7.13
C LYS A 317 -15.57 23.23 -8.48
N PHE A 318 -15.02 22.05 -8.73
CA PHE A 318 -15.16 21.38 -10.03
C PHE A 318 -16.61 21.08 -10.37
N GLN A 319 -17.40 20.75 -9.36
CA GLN A 319 -18.80 20.38 -9.58
C GLN A 319 -19.61 21.53 -10.18
N ALA A 320 -19.18 22.76 -9.88
CA ALA A 320 -19.88 23.95 -10.35
C ALA A 320 -19.27 24.47 -11.65
N MET A 321 -18.83 23.56 -12.50
CA MET A 321 -18.21 23.92 -13.78
C MET A 321 -19.22 23.77 -14.92
N ASP A 322 -19.03 24.56 -15.97
CA ASP A 322 -19.85 24.46 -17.17
C ASP A 322 -19.76 23.03 -17.72
N ILE A 323 -20.91 22.47 -18.06
CA ILE A 323 -20.98 21.08 -18.49
C ILE A 323 -20.19 20.88 -19.78
N SER A 324 -20.16 21.92 -20.62
N SER A 324 -20.16 21.92 -20.62
CA SER A 324 -19.42 21.87 -21.87
CA SER A 324 -19.41 21.86 -21.87
C SER A 324 -17.92 21.80 -21.61
C SER A 324 -17.92 21.80 -21.61
N LEU A 325 -17.46 22.47 -20.56
CA LEU A 325 -16.04 22.50 -20.21
C LEU A 325 -15.61 21.18 -19.56
N LYS A 326 -16.51 20.55 -18.81
CA LYS A 326 -16.24 19.25 -18.21
C LYS A 326 -15.99 18.19 -19.28
N GLU A 327 -16.77 18.26 -20.36
CA GLU A 327 -16.70 17.28 -21.42
C GLU A 327 -15.48 17.44 -22.32
N ASN A 328 -14.80 18.58 -22.18
CA ASN A 328 -13.63 18.89 -23.00
C ASN A 328 -12.34 18.92 -22.17
N LEU A 329 -12.47 18.78 -20.86
CA LEU A 329 -11.35 18.96 -19.95
C LEU A 329 -10.25 17.92 -20.18
N ARG A 330 -10.66 16.66 -20.33
CA ARG A 330 -9.70 15.58 -20.60
C ARG A 330 -8.83 15.90 -21.81
N GLU A 331 -9.47 16.28 -22.91
CA GLU A 331 -8.79 16.59 -24.14
C GLU A 331 -7.99 17.89 -24.01
N MET A 332 -8.60 18.88 -23.36
CA MET A 332 -7.99 20.20 -23.20
C MET A 332 -6.69 20.12 -22.38
N ILE A 333 -6.76 19.49 -21.22
CA ILE A 333 -5.61 19.42 -20.33
C ILE A 333 -4.51 18.55 -20.93
N GLU A 334 -4.90 17.49 -21.62
CA GLU A 334 -3.92 16.59 -22.23
C GLU A 334 -3.16 17.30 -23.35
N GLU A 335 -3.84 18.20 -24.05
CA GLU A 335 -3.22 18.95 -25.14
C GLU A 335 -2.16 19.90 -24.58
N SER A 336 -2.53 20.69 -23.59
CA SER A 336 -1.60 21.60 -22.93
C SER A 336 -0.48 20.82 -22.26
N ALA A 337 -0.80 19.65 -21.71
CA ALA A 337 0.19 18.81 -21.06
C ALA A 337 1.23 18.35 -22.06
N ASN A 338 0.79 17.89 -23.22
CA ASN A 338 1.69 17.46 -24.28
C ASN A 338 2.56 18.61 -24.75
N LYS A 339 1.98 19.82 -24.76
CA LYS A 339 2.70 21.02 -25.16
C LYS A 339 3.84 21.31 -24.19
N PHE A 340 3.60 21.03 -22.91
CA PHE A 340 4.61 21.24 -21.88
C PHE A 340 5.48 20.00 -21.67
N GLY A 341 5.27 18.99 -22.51
CA GLY A 341 6.10 17.78 -22.49
C GLY A 341 5.71 16.76 -21.45
N MET A 342 4.51 16.90 -20.88
CA MET A 342 4.01 15.93 -19.91
C MET A 342 3.19 14.86 -20.61
N LYS A 343 3.68 13.62 -20.56
CA LYS A 343 3.12 12.53 -21.36
C LYS A 343 2.12 11.64 -20.62
N ASP A 344 2.06 11.76 -19.31
CA ASP A 344 1.25 10.85 -18.49
C ASP A 344 0.16 11.54 -17.68
N MET A 345 -0.49 12.52 -18.28
N MET A 345 -0.51 12.52 -18.28
CA MET A 345 -1.59 13.22 -17.64
CA MET A 345 -1.60 13.21 -17.59
C MET A 345 -2.84 12.33 -17.57
C MET A 345 -2.90 12.41 -17.66
N ARG A 346 -2.93 11.38 -18.51
CA ARG A 346 -4.05 10.45 -18.57
C ARG A 346 -3.68 9.16 -17.85
N VAL A 347 -4.63 8.57 -17.13
CA VAL A 347 -4.40 7.32 -16.42
C VAL A 347 -5.57 6.36 -16.57
N GLN A 348 -5.26 5.07 -16.64
CA GLN A 348 -6.28 4.02 -16.66
C GLN A 348 -6.77 3.74 -15.25
N THR A 349 -8.08 3.90 -15.04
CA THR A 349 -8.65 3.66 -13.72
C THR A 349 -10.13 3.32 -13.85
N PHE A 350 -10.86 3.42 -12.73
CA PHE A 350 -12.29 3.12 -12.71
C PHE A 350 -13.04 4.14 -11.88
N SER A 351 -14.32 4.29 -12.17
CA SER A 351 -15.21 5.13 -11.38
C SER A 351 -16.45 4.34 -11.00
N ILE A 352 -17.12 4.79 -9.94
CA ILE A 352 -18.39 4.21 -9.53
C ILE A 352 -19.43 5.32 -9.46
N HIS A 353 -20.64 5.02 -9.91
CA HIS A 353 -21.72 6.02 -9.95
C HIS A 353 -22.89 5.58 -9.08
N PHE A 354 -23.34 6.49 -8.20
CA PHE A 354 -24.47 6.23 -7.32
C PHE A 354 -25.71 6.99 -7.78
N GLY A 355 -25.50 8.16 -8.36
CA GLY A 355 -26.59 9.02 -8.80
C GLY A 355 -26.25 10.47 -8.53
N PHE A 356 -26.85 11.37 -9.31
CA PHE A 356 -26.59 12.80 -9.17
C PHE A 356 -25.09 13.08 -9.31
N LYS A 357 -24.51 13.76 -8.34
CA LYS A 357 -23.07 14.04 -8.35
C LYS A 357 -22.30 13.02 -7.51
N HIS A 358 -22.99 11.98 -7.04
CA HIS A 358 -22.34 10.94 -6.25
C HIS A 358 -21.58 9.98 -7.18
N LYS A 359 -20.50 10.49 -7.75
CA LYS A 359 -19.59 9.71 -8.57
C LYS A 359 -18.21 9.79 -7.96
N PHE A 360 -17.52 8.66 -7.89
CA PHE A 360 -16.18 8.62 -7.29
C PHE A 360 -15.20 7.82 -8.14
N LEU A 361 -14.02 8.40 -8.33
CA LEU A 361 -12.91 7.68 -8.94
C LEU A 361 -12.29 6.79 -7.89
N ALA A 362 -11.67 5.69 -8.32
CA ALA A 362 -11.11 4.72 -7.39
C ALA A 362 -10.11 5.37 -6.44
N SER A 363 -9.27 6.26 -6.97
CA SER A 363 -8.25 6.91 -6.14
C SER A 363 -8.85 7.82 -5.08
N ASP A 364 -10.02 8.41 -5.37
CA ASP A 364 -10.71 9.23 -4.38
C ASP A 364 -11.04 8.40 -3.15
N VAL A 365 -11.55 7.19 -3.38
CA VAL A 365 -11.93 6.30 -2.30
C VAL A 365 -10.69 5.84 -1.53
N VAL A 366 -9.58 5.61 -2.24
CA VAL A 366 -8.34 5.21 -1.58
C VAL A 366 -7.88 6.30 -0.61
N PHE A 367 -7.79 7.53 -1.08
CA PHE A 367 -7.31 8.64 -0.26
C PHE A 367 -8.25 8.89 0.92
N ALA A 368 -9.55 8.76 0.68
CA ALA A 368 -10.53 8.96 1.74
C ALA A 368 -10.41 7.89 2.81
N THR A 369 -10.34 6.63 2.39
CA THR A 369 -10.28 5.51 3.32
C THR A 369 -8.97 5.55 4.11
N MET A 370 -7.89 5.91 3.42
CA MET A 370 -6.58 6.00 4.04
C MET A 370 -6.54 7.09 5.12
N SER A 371 -7.19 8.22 4.85
CA SER A 371 -7.18 9.34 5.78
C SER A 371 -8.00 9.03 7.03
N LEU A 372 -9.09 8.29 6.85
CA LEU A 372 -9.90 7.85 7.97
C LEU A 372 -9.13 6.89 8.86
N MET A 373 -8.45 5.94 8.23
CA MET A 373 -7.75 4.89 8.96
C MET A 373 -6.50 5.42 9.69
N GLU A 374 -5.83 6.39 9.08
CA GLU A 374 -4.57 6.89 9.60
C GLU A 374 -4.74 8.19 10.38
N SER A 375 -5.98 8.56 10.66
CA SER A 375 -6.27 9.80 11.39
C SER A 375 -5.57 9.80 12.75
N PRO A 376 -4.86 10.89 13.07
CA PRO A 376 -4.17 10.95 14.38
C PRO A 376 -5.02 11.58 15.48
N GLU A 377 -6.31 11.78 15.21
CA GLU A 377 -7.22 12.39 16.18
C GLU A 377 -7.32 11.55 17.45
N LYS A 378 -7.69 12.21 18.55
CA LYS A 378 -7.81 11.54 19.84
C LYS A 378 -9.26 11.18 20.15
N ASP A 379 -10.18 11.58 19.28
CA ASP A 379 -11.60 11.30 19.45
C ASP A 379 -11.88 9.79 19.40
N GLY A 380 -10.90 9.02 18.95
CA GLY A 380 -11.03 7.57 18.91
C GLY A 380 -9.66 6.91 18.82
N SER A 381 -9.61 5.63 19.18
CA SER A 381 -8.37 4.87 19.11
C SER A 381 -8.08 4.46 17.66
N GLY A 382 -6.95 3.78 17.47
CA GLY A 382 -6.58 3.29 16.16
C GLY A 382 -7.62 2.34 15.61
N THR A 383 -8.17 1.51 16.50
N THR A 383 -8.16 1.50 16.49
CA THR A 383 -9.18 0.53 16.11
CA THR A 383 -9.18 0.53 16.11
C THR A 383 -10.45 1.22 15.63
C THR A 383 -10.45 1.22 15.63
N ASP A 384 -10.88 2.25 16.36
CA ASP A 384 -12.06 3.02 15.99
C ASP A 384 -11.92 3.59 14.58
N HIS A 385 -10.74 4.13 14.29
CA HIS A 385 -10.47 4.74 12.99
C HIS A 385 -10.44 3.68 11.89
N PHE A 386 -9.84 2.54 12.21
CA PHE A 386 -9.80 1.40 11.30
C PHE A 386 -11.23 0.97 10.93
N ILE A 387 -12.07 0.81 11.94
CA ILE A 387 -13.45 0.38 11.72
C ILE A 387 -14.22 1.44 10.95
N GLN A 388 -13.97 2.72 11.25
CA GLN A 388 -14.60 3.81 10.50
C GLN A 388 -14.22 3.73 9.03
N ALA A 389 -12.95 3.48 8.75
CA ALA A 389 -12.48 3.33 7.38
C ALA A 389 -13.16 2.13 6.72
N LEU A 390 -13.26 1.03 7.45
CA LEU A 390 -13.89 -0.18 6.95
C LEU A 390 -15.37 0.08 6.64
N ASP A 391 -16.03 0.82 7.53
CA ASP A 391 -17.44 1.18 7.34
C ASP A 391 -17.66 2.06 6.12
N SER A 392 -16.72 2.98 5.89
CA SER A 392 -16.85 3.96 4.81
C SER A 392 -16.95 3.30 3.43
N LEU A 393 -16.54 2.04 3.34
CA LEU A 393 -16.56 1.33 2.07
C LEU A 393 -17.95 0.81 1.72
N SER A 394 -18.85 0.79 2.70
CA SER A 394 -20.24 0.37 2.46
C SER A 394 -21.03 1.48 1.78
N ARG A 395 -21.85 1.10 0.81
CA ARG A 395 -22.70 2.05 0.09
C ARG A 395 -23.77 2.65 0.99
N SER A 396 -24.11 1.94 2.06
CA SER A 396 -25.27 2.28 2.90
C SER A 396 -25.28 3.74 3.35
N ASN A 397 -24.09 4.31 3.56
CA ASN A 397 -23.98 5.72 3.88
C ASN A 397 -22.63 6.29 3.43
N LEU A 398 -22.70 7.34 2.60
CA LEU A 398 -21.51 7.96 2.03
C LEU A 398 -20.92 9.03 2.95
N ASP A 399 -21.54 9.23 4.11
CA ASP A 399 -21.13 10.31 5.01
C ASP A 399 -19.68 10.15 5.47
N LYS A 400 -19.29 8.92 5.80
CA LYS A 400 -17.92 8.67 6.23
C LYS A 400 -16.94 8.90 5.08
N LEU A 401 -17.33 8.46 3.88
CA LEU A 401 -16.49 8.65 2.70
C LEU A 401 -16.26 10.13 2.45
N TYR A 402 -17.32 10.93 2.54
CA TYR A 402 -17.20 12.36 2.31
C TYR A 402 -16.35 13.03 3.38
N HIS A 403 -16.46 12.54 4.61
CA HIS A 403 -15.61 13.03 5.69
C HIS A 403 -14.15 12.65 5.41
N GLY A 404 -13.95 11.45 4.89
CA GLY A 404 -12.61 10.99 4.54
C GLY A 404 -11.99 11.85 3.48
N LEU A 405 -12.81 12.30 2.53
CA LEU A 405 -12.33 13.16 1.46
C LEU A 405 -11.85 14.51 1.99
N GLU A 406 -12.52 15.00 3.03
CA GLU A 406 -12.10 16.26 3.65
C GLU A 406 -10.78 16.08 4.39
N LEU A 407 -10.63 14.95 5.07
CA LEU A 407 -9.37 14.64 5.74
C LEU A 407 -8.25 14.45 4.72
N ALA A 408 -8.60 13.92 3.56
CA ALA A 408 -7.62 13.71 2.48
C ALA A 408 -7.09 15.04 1.95
N LYS A 409 -7.98 16.00 1.75
CA LYS A 409 -7.58 17.32 1.28
C LYS A 409 -6.58 17.94 2.24
N LYS A 410 -6.83 17.79 3.53
CA LYS A 410 -5.94 18.32 4.56
C LYS A 410 -4.58 17.63 4.50
N GLN A 411 -4.61 16.31 4.36
CA GLN A 411 -3.38 15.52 4.28
C GLN A 411 -2.56 15.93 3.07
N LEU A 412 -3.22 16.15 1.95
CA LEU A 412 -2.55 16.50 0.70
C LEU A 412 -1.92 17.89 0.78
N ARG A 413 -2.64 18.84 1.37
CA ARG A 413 -2.13 20.19 1.55
C ARG A 413 -0.92 20.19 2.48
N ALA A 414 -1.04 19.46 3.58
CA ALA A 414 0.06 19.35 4.54
C ALA A 414 1.28 18.68 3.91
N THR A 415 1.04 17.76 2.99
CA THR A 415 2.12 17.09 2.28
C THR A 415 2.91 18.09 1.45
N GLN A 416 2.18 18.91 0.70
CA GLN A 416 2.79 19.93 -0.15
C GLN A 416 3.59 20.93 0.67
N GLN A 417 3.02 21.36 1.79
CA GLN A 417 3.67 22.32 2.66
C GLN A 417 4.94 21.73 3.27
N THR A 418 4.87 20.46 3.67
CA THR A 418 6.02 19.81 4.28
C THR A 418 7.14 19.66 3.26
N ILE A 419 6.79 19.23 2.05
CA ILE A 419 7.77 19.08 0.99
C ILE A 419 8.43 20.41 0.68
N ALA A 420 7.64 21.48 0.64
CA ALA A 420 8.16 22.81 0.36
C ALA A 420 9.19 23.20 1.41
N SER A 421 8.86 22.96 2.67
N SER A 421 8.86 22.96 2.67
CA SER A 421 9.75 23.28 3.78
CA SER A 421 9.76 23.29 3.77
C SER A 421 11.04 22.49 3.70
C SER A 421 11.05 22.48 3.71
N CYS A 422 10.93 21.20 3.38
CA CYS A 422 12.10 20.33 3.28
C CYS A 422 13.02 20.76 2.14
N LEU A 423 12.45 21.11 0.99
CA LEU A 423 13.26 21.48 -0.17
C LEU A 423 13.82 22.89 -0.06
N CYS A 424 13.00 23.83 0.40
CA CYS A 424 13.41 25.23 0.46
C CYS A 424 14.36 25.52 1.63
N THR A 425 14.34 24.65 2.64
CA THR A 425 15.24 24.79 3.78
C THR A 425 16.47 23.89 3.57
N ASN A 426 16.55 23.26 2.41
CA ASN A 426 17.71 22.45 2.02
C ASN A 426 17.96 21.31 3.00
N LEU A 427 16.90 20.58 3.34
CA LEU A 427 16.98 19.52 4.35
C LEU A 427 17.06 18.11 3.76
N VAL A 428 17.01 18.01 2.44
CA VAL A 428 17.18 16.72 1.77
C VAL A 428 18.62 16.60 1.32
N ILE A 429 19.42 15.86 2.08
CA ILE A 429 20.86 15.83 1.91
C ILE A 429 21.38 14.42 1.67
N SER A 430 22.26 14.30 0.68
CA SER A 430 22.90 13.04 0.35
C SER A 430 23.90 12.64 1.43
N GLN A 431 23.79 11.38 1.88
CA GLN A 431 24.74 10.81 2.82
C GLN A 431 25.77 9.97 2.08
N GLY A 432 25.69 9.99 0.76
CA GLY A 432 26.53 9.15 -0.09
C GLY A 432 25.68 8.17 -0.88
N PRO A 433 25.40 6.99 -0.30
CA PRO A 433 24.59 5.98 -0.99
C PRO A 433 23.08 6.21 -0.90
N PHE A 434 22.65 7.17 -0.08
CA PHE A 434 21.23 7.49 0.03
C PHE A 434 21.00 8.93 0.48
N LEU A 435 19.83 9.44 0.14
CA LEU A 435 19.39 10.76 0.62
C LEU A 435 18.79 10.60 2.00
N TYR A 436 18.92 11.64 2.82
CA TYR A 436 18.34 11.64 4.15
C TYR A 436 17.57 12.92 4.42
N CYS A 437 16.45 12.77 5.10
CA CYS A 437 15.67 13.90 5.57
C CYS A 437 14.87 13.44 6.77
N SER A 438 14.33 14.37 7.54
CA SER A 438 13.56 14.00 8.72
C SER A 438 12.60 15.08 9.17
N LEU A 439 11.59 14.66 9.92
CA LEU A 439 10.67 15.58 10.58
C LEU A 439 11.02 15.62 12.06
N MET A 440 10.65 16.72 12.72
N MET A 440 10.66 16.72 12.72
CA MET A 440 10.93 16.92 14.13
CA MET A 440 10.94 16.91 14.14
C MET A 440 9.65 17.21 14.90
C MET A 440 9.65 17.22 14.90
N GLU A 441 9.75 17.26 16.22
CA GLU A 441 8.60 17.50 17.09
C GLU A 441 7.95 18.85 16.80
N GLY A 442 8.77 19.82 16.38
CA GLY A 442 8.30 21.16 16.08
C GLY A 442 7.85 21.35 14.65
N THR A 443 7.98 20.31 13.83
CA THR A 443 7.55 20.38 12.44
C THR A 443 6.02 20.53 12.37
N PRO A 444 5.52 21.56 11.66
CA PRO A 444 4.07 21.70 11.54
C PRO A 444 3.39 20.47 10.95
N ASP A 445 2.27 20.06 11.54
CA ASP A 445 1.49 18.91 11.09
C ASP A 445 2.30 17.61 11.11
N VAL A 446 3.30 17.53 11.98
CA VAL A 446 4.09 16.32 12.08
C VAL A 446 3.23 15.13 12.49
N MET A 447 2.17 15.38 13.26
N MET A 447 2.17 15.40 13.26
CA MET A 447 1.32 14.29 13.72
CA MET A 447 1.27 14.36 13.73
C MET A 447 0.48 13.68 12.60
C MET A 447 0.57 13.65 12.57
N LEU A 448 0.46 14.33 11.44
CA LEU A 448 -0.19 13.77 10.27
C LEU A 448 0.70 12.75 9.56
N PHE A 449 1.99 12.74 9.92
CA PHE A 449 2.98 11.91 9.24
C PHE A 449 3.80 11.08 10.22
N SER A 450 3.23 10.72 11.35
CA SER A 450 3.97 10.02 12.40
C SER A 450 3.70 8.53 12.44
N ARG A 451 2.75 8.07 11.63
CA ARG A 451 2.49 6.64 11.49
C ARG A 451 3.22 6.10 10.27
N PRO A 452 3.60 4.81 10.31
CA PRO A 452 4.32 4.14 9.22
C PRO A 452 3.77 4.41 7.82
N ALA A 453 2.47 4.21 7.63
CA ALA A 453 1.85 4.39 6.33
C ALA A 453 1.94 5.84 5.87
N SER A 454 1.62 6.77 6.77
N SER A 454 1.61 6.77 6.76
CA SER A 454 1.61 8.19 6.44
CA SER A 454 1.62 8.20 6.43
C SER A 454 3.02 8.73 6.18
C SER A 454 3.03 8.70 6.14
N LEU A 455 3.99 8.27 6.97
CA LEU A 455 5.37 8.71 6.80
C LEU A 455 5.96 8.12 5.52
N SER A 456 5.65 6.85 5.25
N SER A 456 5.66 6.86 5.26
CA SER A 456 6.19 6.19 4.06
CA SER A 456 6.17 6.17 4.07
C SER A 456 5.68 6.85 2.79
C SER A 456 5.68 6.87 2.81
N LEU A 457 4.40 7.21 2.78
CA LEU A 457 3.81 7.84 1.60
C LEU A 457 4.35 9.26 1.43
N LEU A 458 4.51 9.99 2.54
CA LEU A 458 5.12 11.31 2.48
C LEU A 458 6.51 11.26 1.87
N SER A 459 7.30 10.25 2.28
N SER A 459 7.29 10.26 2.28
CA SER A 459 8.67 10.13 1.82
CA SER A 459 8.66 10.10 1.82
C SER A 459 8.72 9.91 0.30
C SER A 459 8.72 9.91 0.31
N LYS A 460 7.78 9.13 -0.22
CA LYS A 460 7.72 8.86 -1.65
C LYS A 460 7.34 10.12 -2.43
N HIS A 461 6.41 10.89 -1.89
CA HIS A 461 6.02 12.16 -2.52
C HIS A 461 7.15 13.17 -2.47
N LEU A 462 7.86 13.22 -1.35
CA LEU A 462 9.00 14.12 -1.21
C LEU A 462 10.10 13.77 -2.21
N LEU A 463 10.39 12.48 -2.37
CA LEU A 463 11.45 12.07 -3.27
C LEU A 463 11.10 12.41 -4.71
N LYS A 464 9.82 12.25 -5.06
CA LYS A 464 9.34 12.60 -6.40
C LYS A 464 9.56 14.08 -6.70
N SER A 465 9.30 14.93 -5.72
CA SER A 465 9.52 16.36 -5.88
C SER A 465 10.99 16.69 -5.91
N PHE A 466 11.78 15.99 -5.09
CA PHE A 466 13.20 16.24 -5.02
C PHE A 466 13.92 15.93 -6.34
N VAL A 467 13.60 14.80 -6.94
CA VAL A 467 14.28 14.41 -8.17
C VAL A 467 14.01 15.42 -9.28
N CYS A 468 12.81 16.02 -9.28
CA CYS A 468 12.49 17.08 -10.22
C CYS A 468 13.22 18.38 -9.91
N SER A 469 13.65 18.54 -8.65
CA SER A 469 14.24 19.79 -8.21
C SER A 469 15.75 19.83 -8.41
N THR A 470 16.40 18.68 -8.24
CA THR A 470 17.86 18.63 -8.20
C THR A 470 18.48 18.63 -9.60
N LYS A 471 19.67 19.23 -9.69
CA LYS A 471 20.44 19.21 -10.93
C LYS A 471 21.46 18.08 -10.87
N ASN A 472 21.84 17.69 -9.65
CA ASN A 472 22.80 16.62 -9.45
C ASN A 472 22.27 15.29 -9.98
N ARG A 473 22.87 14.82 -11.07
CA ARG A 473 22.39 13.62 -11.76
C ARG A 473 22.52 12.37 -10.89
N ARG A 474 23.52 12.35 -10.02
CA ARG A 474 23.73 11.22 -9.13
C ARG A 474 22.62 11.16 -8.09
N CYS A 475 22.28 12.33 -7.53
CA CYS A 475 21.26 12.42 -6.50
C CYS A 475 19.89 11.97 -7.01
N LYS A 476 19.64 12.20 -8.30
CA LYS A 476 18.37 11.80 -8.91
C LYS A 476 18.11 10.31 -8.76
N LEU A 477 19.18 9.53 -8.69
CA LEU A 477 19.09 8.07 -8.70
C LEU A 477 19.22 7.46 -7.30
N LEU A 478 19.31 8.30 -6.29
CA LEU A 478 19.51 7.82 -4.92
C LEU A 478 18.20 7.42 -4.26
N PRO A 479 18.25 6.43 -3.37
CA PRO A 479 17.09 6.14 -2.52
C PRO A 479 16.99 7.15 -1.39
N LEU A 480 15.91 7.08 -0.60
CA LEU A 480 15.68 8.04 0.48
C LEU A 480 15.42 7.32 1.80
N VAL A 481 16.06 7.82 2.85
CA VAL A 481 15.77 7.41 4.21
C VAL A 481 15.14 8.58 4.93
N MET A 482 13.99 8.35 5.57
N MET A 482 13.98 8.32 5.54
CA MET A 482 13.29 9.43 6.26
CA MET A 482 13.23 9.32 6.27
C MET A 482 12.85 9.03 7.66
C MET A 482 13.15 8.94 7.73
N ALA A 483 13.05 9.95 8.61
CA ALA A 483 12.78 9.70 10.01
C ALA A 483 11.78 10.71 10.57
N ALA A 484 11.02 10.28 11.57
CA ALA A 484 10.07 11.15 12.26
C ALA A 484 9.97 10.75 13.72
N PRO A 485 9.53 11.67 14.58
CA PRO A 485 9.40 11.32 16.00
C PRO A 485 8.34 10.24 16.24
N LEU A 486 8.68 9.24 17.05
CA LEU A 486 7.73 8.19 17.40
C LEU A 486 7.21 8.42 18.82
N SER A 487 8.06 8.13 19.80
CA SER A 487 7.73 8.36 21.21
C SER A 487 8.73 9.31 21.85
N MET A 488 8.25 10.44 22.33
CA MET A 488 9.10 11.41 23.01
C MET A 488 9.49 10.89 24.38
N GLU A 489 8.55 10.26 25.06
CA GLU A 489 8.79 9.68 26.38
C GLU A 489 9.89 8.62 26.34
N HIS A 490 9.82 7.74 25.35
CA HIS A 490 10.76 6.64 25.24
C HIS A 490 11.93 6.96 24.31
N GLY A 491 11.93 8.17 23.74
CA GLY A 491 13.01 8.61 22.88
C GLY A 491 13.22 7.70 21.67
N THR A 492 12.15 7.47 20.92
CA THR A 492 12.22 6.64 19.72
C THR A 492 11.78 7.42 18.49
N VAL A 493 12.28 6.99 17.34
CA VAL A 493 11.88 7.55 16.06
C VAL A 493 11.49 6.43 15.10
N THR A 494 10.60 6.75 14.17
CA THR A 494 10.28 5.84 13.07
C THR A 494 11.19 6.17 11.91
N VAL A 495 11.75 5.13 11.29
CA VAL A 495 12.61 5.31 10.11
C VAL A 495 12.06 4.51 8.94
N VAL A 496 11.96 5.16 7.78
N VAL A 496 11.97 5.17 7.78
CA VAL A 496 11.51 4.50 6.57
CA VAL A 496 11.50 4.53 6.56
C VAL A 496 12.60 4.60 5.51
C VAL A 496 12.55 4.62 5.47
N GLY A 497 12.65 3.58 4.64
CA GLY A 497 13.56 3.58 3.52
C GLY A 497 12.78 3.25 2.27
N ILE A 498 12.97 4.04 1.21
CA ILE A 498 12.29 3.80 -0.04
C ILE A 498 13.29 3.76 -1.18
N PRO A 499 12.98 2.98 -2.24
CA PRO A 499 13.90 2.85 -3.37
C PRO A 499 13.98 4.12 -4.23
N PRO A 500 14.95 4.17 -5.16
CA PRO A 500 15.07 5.30 -6.08
C PRO A 500 13.79 5.51 -6.90
N GLU A 501 13.48 6.77 -7.20
CA GLU A 501 12.25 7.10 -7.92
C GLU A 501 12.47 7.13 -9.44
N THR A 502 11.89 6.16 -10.12
N THR A 502 11.86 6.17 -10.12
CA THR A 502 11.90 6.12 -11.58
CA THR A 502 11.90 6.11 -11.57
C THR A 502 10.56 5.57 -12.08
C THR A 502 10.57 5.55 -12.09
N ASP A 503 10.15 6.01 -13.27
CA ASP A 503 8.89 5.57 -13.85
C ASP A 503 8.92 4.07 -14.15
N SER A 504 10.11 3.57 -14.46
CA SER A 504 10.29 2.17 -14.84
C SER A 504 10.67 1.29 -13.65
N SER A 505 10.63 1.86 -12.45
CA SER A 505 11.06 1.15 -11.24
C SER A 505 10.35 -0.19 -11.07
N ASP A 506 11.09 -1.18 -10.59
CA ASP A 506 10.50 -2.48 -10.25
C ASP A 506 9.91 -2.44 -8.84
N ARG A 507 10.06 -1.30 -8.18
CA ARG A 507 9.46 -1.06 -6.87
C ARG A 507 9.92 -2.05 -5.81
N LYS A 508 11.14 -2.58 -5.99
CA LYS A 508 11.73 -3.49 -5.02
C LYS A 508 12.62 -2.72 -4.05
N ASN A 509 12.60 -3.14 -2.79
CA ASN A 509 13.16 -2.36 -1.69
C ASN A 509 14.13 -3.19 -0.84
N PHE A 510 15.38 -2.74 -0.74
CA PHE A 510 16.41 -3.48 0.00
C PHE A 510 16.65 -2.98 1.42
N PHE A 511 15.89 -1.99 1.87
CA PHE A 511 16.21 -1.34 3.14
C PHE A 511 15.89 -2.20 4.36
N GLY A 512 14.97 -3.14 4.21
CA GLY A 512 14.62 -4.03 5.30
C GLY A 512 15.84 -4.75 5.87
N ARG A 513 16.56 -5.47 5.02
CA ARG A 513 17.73 -6.23 5.48
C ARG A 513 18.93 -5.31 5.69
N ALA A 514 18.98 -4.20 4.96
CA ALA A 514 20.04 -3.22 5.16
C ALA A 514 19.94 -2.62 6.56
N PHE A 515 18.73 -2.22 6.95
CA PHE A 515 18.49 -1.71 8.30
C PHE A 515 18.87 -2.75 9.33
N GLU A 516 18.53 -4.01 9.05
CA GLU A 516 18.78 -5.10 9.98
C GLU A 516 20.26 -5.29 10.24
N LYS A 517 21.05 -5.30 9.17
CA LYS A 517 22.50 -5.47 9.28
C LYS A 517 23.15 -4.27 9.96
N ALA A 518 22.66 -3.07 9.66
CA ALA A 518 23.20 -1.85 10.25
C ALA A 518 22.96 -1.83 11.75
N ALA A 519 21.78 -2.28 12.18
CA ALA A 519 21.44 -2.31 13.59
C ALA A 519 22.25 -3.37 14.34
N GLU A 520 22.51 -4.50 13.68
CA GLU A 520 23.20 -5.60 14.31
C GLU A 520 24.68 -5.28 14.53
N SER A 521 25.31 -4.68 13.53
CA SER A 521 26.74 -4.39 13.60
C SER A 521 27.05 -3.23 14.55
N THR A 522 26.02 -2.53 15.00
CA THR A 522 26.18 -1.41 15.93
C THR A 522 25.48 -1.68 17.25
N SER A 523 24.80 -2.81 17.34
CA SER A 523 24.02 -3.16 18.52
C SER A 523 22.96 -2.09 18.81
N SER A 524 22.45 -1.48 17.76
CA SER A 524 21.41 -0.46 17.90
C SER A 524 20.12 -1.10 18.38
N ARG A 525 19.36 -0.35 19.18
CA ARG A 525 18.08 -0.81 19.68
C ARG A 525 17.00 -0.50 18.66
N MET A 526 16.54 -1.53 17.96
CA MET A 526 15.63 -1.37 16.83
C MET A 526 14.55 -2.46 16.84
N LEU A 527 13.37 -2.13 16.34
CA LEU A 527 12.28 -3.08 16.21
C LEU A 527 11.68 -3.08 14.80
N HIS A 528 11.48 -4.27 14.26
CA HIS A 528 10.75 -4.45 13.01
C HIS A 528 9.27 -4.72 13.33
N ASN A 529 8.54 -3.69 13.72
CA ASN A 529 7.16 -3.86 14.15
C ASN A 529 6.17 -3.79 12.99
N HIS A 530 6.55 -3.09 11.92
CA HIS A 530 5.68 -2.96 10.76
C HIS A 530 5.75 -4.21 9.89
N PHE A 531 4.71 -4.46 9.11
CA PHE A 531 4.66 -5.66 8.28
C PHE A 531 5.61 -5.54 7.09
N ASP A 532 5.93 -4.30 6.73
CA ASP A 532 7.06 -4.02 5.84
C ASP A 532 8.31 -3.83 6.66
N LEU A 533 9.35 -4.60 6.37
CA LEU A 533 10.61 -4.50 7.10
C LEU A 533 11.34 -3.19 6.82
N SER A 534 10.91 -2.47 5.78
CA SER A 534 11.55 -1.21 5.39
C SER A 534 11.12 -0.05 6.29
N VAL A 535 10.26 -0.34 7.27
CA VAL A 535 9.83 0.64 8.26
C VAL A 535 10.17 0.13 9.65
N ILE A 536 11.04 0.84 10.35
CA ILE A 536 11.54 0.41 11.65
C ILE A 536 11.33 1.44 12.74
N GLU A 537 11.36 0.97 13.98
CA GLU A 537 11.35 1.84 15.16
C GLU A 537 12.75 1.81 15.76
N LEU A 538 13.31 2.98 16.00
CA LEU A 538 14.72 3.10 16.39
C LEU A 538 14.90 4.01 17.59
N LYS A 539 15.77 3.60 18.50
CA LYS A 539 16.18 4.45 19.62
C LYS A 539 16.93 5.66 19.10
N ALA A 540 16.46 6.85 19.46
CA ALA A 540 17.01 8.10 18.97
C ALA A 540 18.51 8.22 19.26
N GLU A 541 18.94 7.68 20.39
CA GLU A 541 20.34 7.72 20.79
C GLU A 541 21.22 6.94 19.82
N ASP A 542 20.66 5.92 19.20
CA ASP A 542 21.42 5.03 18.31
C ASP A 542 21.38 5.48 16.85
N ARG A 543 20.59 6.51 16.57
CA ARG A 543 20.40 6.98 15.19
C ARG A 543 21.73 7.30 14.51
N SER A 544 22.62 7.96 15.25
CA SER A 544 23.90 8.39 14.70
C SER A 544 24.75 7.23 14.21
N LYS A 545 25.01 6.25 15.08
CA LYS A 545 25.84 5.12 14.71
C LYS A 545 25.11 4.21 13.72
N PHE A 546 23.79 4.13 13.85
CA PHE A 546 22.97 3.32 12.95
C PHE A 546 23.12 3.80 11.51
N LEU A 547 22.90 5.10 11.28
CA LEU A 547 22.99 5.65 9.94
C LEU A 547 24.42 5.60 9.42
N ASP A 548 25.39 5.76 10.31
CA ASP A 548 26.79 5.69 9.93
C ASP A 548 27.12 4.30 9.38
N ALA A 549 26.66 3.27 10.08
CA ALA A 549 26.83 1.89 9.63
C ALA A 549 26.13 1.66 8.31
N LEU A 550 24.94 2.23 8.16
CA LEU A 550 24.15 2.07 6.94
C LEU A 550 24.88 2.65 5.74
N ILE A 551 25.51 3.81 5.94
CA ILE A 551 26.28 4.45 4.88
C ILE A 551 27.41 3.54 4.40
N SER A 552 28.18 3.02 5.35
CA SER A 552 29.30 2.14 5.01
C SER A 552 28.80 0.90 4.28
N LEU A 553 27.68 0.36 4.75
CA LEU A 553 27.11 -0.85 4.19
C LEU A 553 26.68 -0.68 2.74
N LEU A 554 26.06 0.45 2.42
CA LEU A 554 25.49 0.66 1.09
C LEU A 554 26.44 1.36 0.13
N SER A 555 27.61 1.76 0.62
CA SER A 555 28.61 2.41 -0.23
C SER A 555 29.36 1.38 -1.07
C1 EDO B . -17.91 3.94 -2.47
O1 EDO B . -16.61 3.43 -2.37
C2 EDO B . -18.78 3.21 -1.47
O2 EDO B . -18.58 1.82 -1.66
H11 EDO B . -17.90 4.90 -2.25
H12 EDO B . -18.26 3.81 -3.36
HO1 EDO B . -16.03 4.09 -2.24
H21 EDO B . -19.71 3.43 -1.62
H22 EDO B . -18.51 3.46 -0.55
HO2 EDO B . -19.13 1.37 -1.13
C1 EDO C . -5.57 10.05 -9.70
O1 EDO C . -6.31 8.90 -10.00
C2 EDO C . -4.10 9.70 -9.66
O2 EDO C . -3.89 8.76 -8.62
H11 EDO C . -5.84 10.41 -8.84
H12 EDO C . -5.72 10.72 -10.39
HO1 EDO C . -7.10 9.12 -10.33
H21 EDO C . -3.57 10.49 -9.48
H22 EDO C . -3.83 9.30 -10.51
HO2 EDO C . -3.05 8.78 -8.36
C1 EDO D . 0.41 13.76 -3.22
O1 EDO D . 0.73 15.12 -3.41
C2 EDO D . -0.73 13.39 -4.13
O2 EDO D . -0.23 13.20 -5.43
H11 EDO D . 1.19 13.21 -3.42
H12 EDO D . 0.14 13.62 -2.29
HO1 EDO D . 1.47 15.32 -2.95
H21 EDO D . -1.40 14.10 -4.14
H22 EDO D . -1.15 12.55 -3.82
HO2 EDO D . -0.89 13.03 -5.99
C1 EDO E . 11.07 21.00 8.82
O1 EDO E . 10.55 21.03 10.13
C2 EDO E . 11.25 19.54 8.42
O2 EDO E . 12.02 18.91 9.41
H11 EDO E . 11.93 21.45 8.80
H12 EDO E . 10.46 21.43 8.21
HO1 EDO E . 10.45 21.88 10.38
H21 EDO E . 11.70 19.50 7.56
H22 EDO E . 10.37 19.11 8.36
HO2 EDO E . 12.09 18.04 9.22
C1 EDO F . -5.70 -0.45 13.66
O1 EDO F . -4.69 0.53 13.53
C2 EDO F . -5.63 -1.00 15.08
O2 EDO F . -4.33 -1.47 15.31
H11 EDO F . -5.55 -1.17 13.03
H12 EDO F . -6.57 -0.05 13.51
HO1 EDO F . -4.73 0.87 12.70
H21 EDO F . -6.27 -1.74 15.18
H22 EDO F . -5.84 -0.30 15.72
HO2 EDO F . -4.28 -1.83 16.12
C1 EDO G . -2.01 3.74 -15.63
O1 EDO G . -2.46 4.52 -16.71
C2 EDO G . -0.49 3.77 -15.61
O2 EDO G . -0.08 5.08 -15.27
H11 EDO G . -2.31 2.82 -15.74
H12 EDO G . -2.35 4.09 -14.79
HO1 EDO G . -2.33 4.07 -17.47
H21 EDO G . -0.14 3.54 -16.50
H22 EDO G . -0.15 3.14 -14.95
HO2 EDO G . 0.77 5.06 -15.03
S SO4 H . 22.09 -5.05 1.12
O1 SO4 H . 23.51 -4.75 1.30
O2 SO4 H . 21.41 -4.97 2.41
O3 SO4 H . 21.93 -6.38 0.56
O4 SO4 H . 21.51 -4.05 0.21
S SO4 I . -11.72 22.91 -0.01
O1 SO4 I . -11.10 22.33 1.17
O2 SO4 I . -12.37 24.16 0.35
O3 SO4 I . -12.71 21.97 -0.54
O4 SO4 I . -10.69 23.15 -1.02
S SO4 J . 13.10 0.45 20.54
O1 SO4 J . 13.25 1.32 21.70
O2 SO4 J . 13.17 1.25 19.32
O3 SO4 J . 11.82 -0.23 20.60
O4 SO4 J . 14.18 -0.54 20.54
#